data_1U63
#
_entry.id   1U63
#
_cell.length_a   212.290
_cell.length_b   68.900
_cell.length_c   115.870
_cell.angle_alpha   90.00
_cell.angle_beta   122.99
_cell.angle_gamma   90.00
#
_symmetry.space_group_name_H-M   'C 1 2 1'
#
loop_
_entity.id
_entity.type
_entity.pdbx_description
1 polymer '49 NT FRAGMENT OF MRNA FOR L1'
2 polymer '50S ribosomal protein L1P'
#
loop_
_entity_poly.entity_id
_entity_poly.type
_entity_poly.pdbx_seq_one_letter_code
_entity_poly.pdbx_strand_id
1 'polyribonucleotide' GGGAGUGAAGGAGGCUCGCGAACUCGCGAAGCCGAGAAACUUCACUCCC B,D
2 'polypeptide(L)'
;MDREALLQAVKEARELAKPRNFTQSFEFIATLKEID(MSE)RKPENRIKTEVVLPHGRGKEAKIAVIGTGDLAKQAEELG
LTVIRKEEIEELGKNKRKLRKIAKAHDFFIAQADL(MSE)PLIGRY(MSE)GVILGPRGK(MSE)PKPVPANANIKPLVE
RLKKTVVINTRDKPYFQVLVGNEK(MSE)TDEQIVDNIEAVLNVVAKKYEKGLYHIKDAYVKLT(MSE)GPAVKVKKEKA
KKK
;
A,C
#
loop_
_chem_comp.id
_chem_comp.type
_chem_comp.name
_chem_comp.formula
A RNA linking ADENOSINE-5'-MONOPHOSPHATE 'C10 H14 N5 O7 P'
C RNA linking CYTIDINE-5'-MONOPHOSPHATE 'C9 H14 N3 O8 P'
G RNA linking GUANOSINE-5'-MONOPHOSPHATE 'C10 H14 N5 O8 P'
U RNA linking URIDINE-5'-MONOPHOSPHATE 'C9 H13 N2 O9 P'
#
# COMPACT_ATOMS: atom_id res chain seq x y z
N MET C 1 12.10 11.79 36.69
CA MET C 1 12.71 11.01 37.80
C MET C 1 13.83 10.13 37.23
N ASP C 2 13.48 9.06 36.52
CA ASP C 2 14.54 8.25 35.89
C ASP C 2 14.49 8.56 34.40
N ARG C 3 14.15 9.81 34.11
CA ARG C 3 14.04 10.25 32.73
C ARG C 3 15.43 10.23 32.14
N GLU C 4 16.35 10.94 32.80
CA GLU C 4 17.73 11.02 32.35
C GLU C 4 18.25 9.61 32.09
N ALA C 5 17.82 8.68 32.93
CA ALA C 5 18.23 7.29 32.79
C ALA C 5 17.81 6.77 31.40
N LEU C 6 16.52 6.50 31.25
CA LEU C 6 15.94 6.00 30.02
C LEU C 6 16.40 6.80 28.80
N LEU C 7 16.65 8.08 29.01
CA LEU C 7 17.12 8.92 27.92
C LEU C 7 18.51 8.45 27.46
N GLN C 8 19.42 8.25 28.42
CA GLN C 8 20.77 7.78 28.11
C GLN C 8 20.59 6.37 27.59
N ALA C 9 19.69 5.64 28.25
CA ALA C 9 19.40 4.26 27.87
C ALA C 9 19.06 4.09 26.38
N VAL C 10 18.47 5.13 25.80
CA VAL C 10 18.15 5.08 24.39
C VAL C 10 19.19 5.73 23.48
N LYS C 11 19.92 6.74 23.97
CA LYS C 11 20.95 7.35 23.11
C LYS C 11 21.93 6.23 22.83
N GLU C 12 22.05 5.35 23.83
CA GLU C 12 22.95 4.21 23.78
C GLU C 12 22.54 3.18 22.73
N ALA C 13 21.24 2.99 22.54
CA ALA C 13 20.72 2.02 21.55
C ALA C 13 20.62 2.49 20.09
N ARG C 14 20.74 3.80 19.83
CA ARG C 14 20.65 4.33 18.46
C ARG C 14 21.85 3.95 17.62
N GLU C 15 23.03 3.93 18.24
CA GLU C 15 24.25 3.53 17.56
C GLU C 15 24.61 2.13 17.99
N LEU C 16 24.02 1.70 19.10
CA LEU C 16 24.30 0.35 19.53
C LEU C 16 23.73 -0.56 18.44
N ALA C 17 23.05 0.03 17.45
CA ALA C 17 22.46 -0.75 16.39
C ALA C 17 22.87 -0.36 14.98
N LYS C 18 22.92 -1.38 14.11
CA LYS C 18 23.31 -1.25 12.70
C LYS C 18 22.36 -0.53 11.78
N PRO C 19 22.90 0.14 10.74
CA PRO C 19 22.02 0.83 9.80
C PRO C 19 21.25 -0.28 9.09
N ARG C 20 20.17 0.07 8.40
CA ARG C 20 19.43 -0.96 7.70
C ARG C 20 18.76 -0.52 6.39
N ASN C 21 18.32 -1.50 5.62
CA ASN C 21 17.68 -1.25 4.34
C ASN C 21 16.20 -0.95 4.46
N PHE C 22 15.95 -0.22 5.54
CA PHE C 22 14.64 0.26 5.89
C PHE C 22 14.91 0.89 7.24
N THR C 23 13.84 1.27 7.94
CA THR C 23 13.89 1.94 9.25
C THR C 23 13.45 1.12 10.49
N GLN C 24 14.29 1.07 11.53
CA GLN C 24 13.95 0.31 12.72
C GLN C 24 13.03 1.07 13.65
N SER C 25 12.17 0.32 14.34
CA SER C 25 11.24 0.90 15.29
C SER C 25 11.64 0.49 16.69
N PHE C 26 11.43 1.39 17.65
CA PHE C 26 11.82 1.12 19.04
C PHE C 26 10.78 0.37 19.87
N GLU C 27 11.25 -0.59 20.64
CA GLU C 27 10.42 -1.40 21.51
C GLU C 27 11.02 -1.29 22.96
N PHE C 28 10.12 -1.36 23.92
CA PHE C 28 10.46 -1.30 25.32
C PHE C 28 9.98 -2.64 25.91
N ILE C 29 10.83 -3.35 26.66
CA ILE C 29 10.39 -4.62 27.24
C ILE C 29 10.43 -4.41 28.74
N ALA C 30 9.52 -5.07 29.45
CA ALA C 30 9.42 -4.91 30.88
C ALA C 30 9.37 -6.24 31.63
N THR C 31 10.18 -6.34 32.67
CA THR C 31 10.17 -7.56 33.42
C THR C 31 9.49 -7.25 34.74
N LEU C 32 8.33 -7.83 34.96
CA LEU C 32 7.56 -7.63 36.17
C LEU C 32 8.24 -8.03 37.49
N LYS C 33 7.50 -7.90 38.58
CA LYS C 33 7.96 -8.26 39.91
C LYS C 33 6.94 -9.19 40.55
N GLU C 34 6.67 -8.98 41.82
CA GLU C 34 5.75 -9.84 42.54
C GLU C 34 4.28 -9.74 42.12
N ILE C 35 3.74 -10.84 41.60
CA ILE C 35 2.34 -10.95 41.19
C ILE C 35 2.06 -12.45 41.16
N ASP C 36 1.19 -12.88 40.25
CA ASP C 36 0.89 -14.30 40.09
C ASP C 36 0.49 -14.68 38.66
N MSE C 37 0.20 -13.66 37.85
CA MSE C 37 -0.20 -13.87 36.46
C MSE C 37 -1.38 -14.80 36.32
O MSE C 37 -1.89 -15.01 35.22
CB MSE C 37 0.97 -14.45 35.63
CG MSE C 37 2.03 -13.40 35.20
SE MSE C 37 1.62 -11.50 35.64
CE MSE C 37 0.13 -11.25 34.43
N ARG C 38 -1.84 -15.35 37.44
CA ARG C 38 -2.95 -16.28 37.43
C ARG C 38 -4.27 -15.68 37.91
N LYS C 39 -4.18 -14.52 38.56
CA LYS C 39 -5.36 -13.85 39.08
C LYS C 39 -5.95 -12.76 38.14
N PRO C 40 -7.29 -12.55 38.20
CA PRO C 40 -7.96 -11.55 37.35
C PRO C 40 -7.22 -10.23 37.54
N GLU C 41 -6.50 -10.17 38.66
CA GLU C 41 -5.68 -9.02 39.03
C GLU C 41 -5.09 -8.58 37.70
N ASN C 42 -5.18 -7.29 37.43
CA ASN C 42 -4.65 -6.71 36.20
C ASN C 42 -3.61 -7.57 35.47
N ARG C 43 -3.85 -7.80 34.18
CA ARG C 43 -2.94 -8.57 33.34
C ARG C 43 -2.47 -7.65 32.22
N ILE C 44 -3.03 -6.44 32.25
CA ILE C 44 -2.74 -5.42 31.25
C ILE C 44 -3.13 -5.97 29.88
N LYS C 45 -4.37 -5.62 29.49
CA LYS C 45 -4.93 -6.02 28.21
C LYS C 45 -5.45 -4.70 27.67
N THR C 46 -5.09 -3.62 28.36
CA THR C 46 -5.49 -2.27 27.99
C THR C 46 -4.68 -1.72 26.80
N GLU C 47 -5.10 -0.55 26.33
CA GLU C 47 -4.46 0.14 25.20
C GLU C 47 -4.45 1.58 25.65
N VAL C 48 -3.32 2.26 25.52
CA VAL C 48 -3.29 3.66 25.89
C VAL C 48 -2.59 4.41 24.80
N VAL C 49 -3.24 5.49 24.34
CA VAL C 49 -2.74 6.34 23.25
C VAL C 49 -1.33 6.92 23.44
N LEU C 50 -0.56 6.96 22.35
CA LEU C 50 0.80 7.47 22.36
C LEU C 50 0.90 8.90 21.90
N PRO C 51 1.29 9.82 22.77
CA PRO C 51 1.48 11.26 22.57
C PRO C 51 2.07 11.72 21.26
N HIS C 52 3.34 11.41 21.03
CA HIS C 52 3.91 11.78 19.76
C HIS C 52 3.69 10.59 18.80
N GLY C 53 3.23 9.49 19.40
CA GLY C 53 2.97 8.27 18.68
C GLY C 53 4.15 7.64 17.95
N ARG C 54 3.84 6.89 16.90
CA ARG C 54 4.87 6.23 16.08
C ARG C 54 5.34 7.12 14.92
N GLY C 55 6.10 6.52 14.01
CA GLY C 55 6.55 7.24 12.86
C GLY C 55 5.73 6.60 11.77
N LYS C 56 5.03 5.54 12.16
CA LYS C 56 4.20 4.80 11.25
C LYS C 56 2.80 4.81 11.77
N GLU C 57 1.91 5.50 11.08
CA GLU C 57 0.51 5.56 11.48
C GLU C 57 0.02 4.13 11.52
N ALA C 58 -0.67 3.79 12.60
CA ALA C 58 -1.22 2.46 12.75
C ALA C 58 -2.02 2.22 11.50
N LYS C 59 -2.48 1.00 11.27
CA LYS C 59 -3.26 0.77 10.07
C LYS C 59 -4.63 0.28 10.44
N ILE C 60 -5.64 0.93 9.89
CA ILE C 60 -7.00 0.53 10.16
C ILE C 60 -7.73 0.06 8.93
N ALA C 61 -8.77 -0.72 9.16
CA ALA C 61 -9.63 -1.22 8.11
C ALA C 61 -11.00 -1.29 8.77
N VAL C 62 -12.05 -1.24 7.96
CA VAL C 62 -13.41 -1.26 8.49
C VAL C 62 -14.31 -2.22 7.77
N ILE C 63 -15.25 -2.76 8.54
CA ILE C 63 -16.21 -3.68 8.02
C ILE C 63 -17.52 -2.93 8.16
N GLY C 64 -18.20 -2.65 7.04
CA GLY C 64 -19.45 -1.90 7.12
C GLY C 64 -20.15 -1.70 5.79
N THR C 65 -21.19 -0.86 5.78
CA THR C 65 -21.96 -0.58 4.55
C THR C 65 -22.23 0.88 4.23
N GLY C 66 -22.12 1.18 2.94
CA GLY C 66 -22.37 2.51 2.43
C GLY C 66 -21.80 3.67 3.20
N ASP C 67 -22.69 4.38 3.88
CA ASP C 67 -22.31 5.56 4.64
C ASP C 67 -21.21 5.30 5.68
N LEU C 68 -21.32 4.22 6.47
CA LEU C 68 -20.29 3.95 7.45
C LEU C 68 -19.08 3.64 6.60
N ALA C 69 -19.26 2.71 5.67
CA ALA C 69 -18.17 2.35 4.79
C ALA C 69 -17.69 3.52 3.93
N LYS C 70 -18.44 4.61 3.90
CA LYS C 70 -18.06 5.74 3.06
C LYS C 70 -17.01 6.58 3.73
N GLN C 71 -17.11 6.67 5.05
CA GLN C 71 -16.16 7.50 5.74
C GLN C 71 -14.74 7.03 5.36
N ALA C 72 -14.69 5.74 5.12
CA ALA C 72 -13.45 5.08 4.83
C ALA C 72 -12.58 5.67 3.74
N GLU C 73 -12.92 5.37 2.49
CA GLU C 73 -12.14 5.78 1.32
C GLU C 73 -11.55 7.17 1.32
N GLU C 74 -12.39 8.16 1.63
CA GLU C 74 -11.97 9.56 1.67
C GLU C 74 -11.01 9.74 2.86
N LEU C 75 -11.17 8.88 3.85
CA LEU C 75 -10.31 8.88 5.05
C LEU C 75 -9.01 8.11 4.76
N GLY C 76 -8.93 7.51 3.59
CA GLY C 76 -7.74 6.81 3.16
C GLY C 76 -7.60 5.38 3.66
N LEU C 77 -8.62 4.87 4.33
CA LEU C 77 -8.56 3.51 4.84
C LEU C 77 -8.99 2.39 3.87
N THR C 78 -8.67 1.15 4.25
CA THR C 78 -8.98 -0.03 3.46
C THR C 78 -10.31 -0.53 3.97
N VAL C 79 -11.09 -1.19 3.12
CA VAL C 79 -12.39 -1.63 3.56
C VAL C 79 -12.88 -2.96 3.03
N ILE C 80 -13.52 -3.69 3.93
CA ILE C 80 -14.11 -4.99 3.66
C ILE C 80 -15.61 -4.75 3.80
N ARG C 81 -16.32 -4.87 2.68
CA ARG C 81 -17.77 -4.71 2.62
C ARG C 81 -18.41 -6.08 2.70
N LYS C 82 -19.55 -6.14 3.39
CA LYS C 82 -20.30 -7.37 3.64
C LYS C 82 -19.97 -8.64 2.83
N GLU C 83 -20.56 -8.80 1.64
CA GLU C 83 -20.31 -10.00 0.82
C GLU C 83 -18.86 -10.52 0.85
N GLU C 84 -17.89 -9.60 0.82
CA GLU C 84 -16.51 -10.03 0.86
C GLU C 84 -16.17 -10.77 2.15
N ILE C 85 -16.94 -10.53 3.22
CA ILE C 85 -16.69 -11.19 4.50
C ILE C 85 -16.76 -12.70 4.27
N GLU C 86 -17.75 -13.16 3.50
CA GLU C 86 -17.85 -14.58 3.21
C GLU C 86 -16.70 -14.98 2.32
N GLU C 87 -16.62 -14.30 1.18
CA GLU C 87 -15.62 -14.48 0.14
C GLU C 87 -14.21 -14.61 0.72
N LEU C 88 -14.05 -14.09 1.93
CA LEU C 88 -12.78 -14.12 2.63
C LEU C 88 -12.70 -15.34 3.53
N GLY C 89 -13.75 -15.55 4.32
CA GLY C 89 -13.81 -16.68 5.24
C GLY C 89 -13.59 -18.04 4.60
N LYS C 90 -13.59 -18.04 3.28
CA LYS C 90 -13.39 -19.24 2.51
C LYS C 90 -12.13 -19.01 1.67
N ASN C 91 -11.19 -18.26 2.21
CA ASN C 91 -9.93 -17.95 1.54
C ASN C 91 -8.99 -17.38 2.60
N LYS C 92 -8.70 -18.21 3.59
CA LYS C 92 -7.87 -17.83 4.72
C LYS C 92 -6.47 -17.24 4.47
N ARG C 93 -5.79 -17.66 3.40
CA ARG C 93 -4.45 -17.14 3.11
C ARG C 93 -4.50 -15.61 3.07
N LYS C 94 -5.54 -15.10 2.42
CA LYS C 94 -5.71 -13.68 2.28
C LYS C 94 -6.25 -13.18 3.60
N LEU C 95 -7.26 -13.87 4.10
CA LEU C 95 -7.85 -13.48 5.35
C LEU C 95 -6.75 -13.12 6.37
N ARG C 96 -5.74 -13.98 6.43
CA ARG C 96 -4.63 -13.79 7.35
C ARG C 96 -3.86 -12.53 7.02
N LYS C 97 -3.19 -12.55 5.86
CA LYS C 97 -2.39 -11.42 5.42
C LYS C 97 -2.99 -10.08 5.84
N ILE C 98 -4.25 -9.88 5.47
CA ILE C 98 -4.98 -8.66 5.80
C ILE C 98 -4.71 -8.36 7.28
N ALA C 99 -5.00 -9.35 8.11
CA ALA C 99 -4.78 -9.25 9.55
C ALA C 99 -3.33 -8.90 9.93
N LYS C 100 -2.34 -9.41 9.22
CA LYS C 100 -0.97 -9.05 9.60
C LYS C 100 -0.62 -7.68 9.05
N ALA C 101 -1.56 -7.10 8.28
CA ALA C 101 -1.36 -5.82 7.64
C ALA C 101 -2.08 -4.65 8.31
N HIS C 102 -3.05 -4.93 9.17
CA HIS C 102 -3.81 -3.87 9.82
C HIS C 102 -3.90 -3.93 11.33
N ASP C 103 -3.27 -2.95 11.99
CA ASP C 103 -3.24 -2.86 13.44
C ASP C 103 -4.58 -2.89 14.13
N PHE C 104 -5.62 -2.45 13.44
CA PHE C 104 -6.91 -2.42 14.07
C PHE C 104 -8.07 -2.60 13.15
N PHE C 105 -9.18 -3.04 13.72
CA PHE C 105 -10.36 -3.29 12.92
C PHE C 105 -11.61 -2.73 13.59
N ILE C 106 -12.48 -2.08 12.80
CA ILE C 106 -13.75 -1.52 13.29
C ILE C 106 -14.92 -2.05 12.47
N ALA C 107 -15.90 -2.63 13.16
CA ALA C 107 -17.05 -3.22 12.51
C ALA C 107 -18.43 -2.53 12.63
N GLN C 108 -19.21 -2.66 11.57
CA GLN C 108 -20.55 -2.13 11.54
C GLN C 108 -21.19 -3.00 12.59
N ALA C 109 -21.05 -2.58 13.84
CA ALA C 109 -21.58 -3.31 14.97
C ALA C 109 -22.60 -4.42 14.62
N ASP C 110 -23.74 -4.05 14.05
CA ASP C 110 -24.79 -5.03 13.70
C ASP C 110 -24.25 -6.06 12.72
N LEU C 111 -22.95 -6.06 12.53
CA LEU C 111 -22.40 -6.98 11.58
C LEU C 111 -21.46 -7.98 12.20
N MSE C 112 -21.41 -8.02 13.53
CA MSE C 112 -20.52 -8.94 14.21
C MSE C 112 -20.94 -10.38 13.93
O MSE C 112 -20.15 -11.18 13.44
CB MSE C 112 -20.54 -8.68 15.73
CG MSE C 112 -19.14 -8.45 16.33
SE MSE C 112 -17.97 -7.21 15.34
CE MSE C 112 -16.25 -7.78 15.90
N PRO C 113 -22.20 -10.72 14.21
CA PRO C 113 -22.72 -12.07 13.97
C PRO C 113 -22.45 -12.69 12.59
N LEU C 114 -21.71 -11.97 11.74
CA LEU C 114 -21.38 -12.48 10.40
C LEU C 114 -19.87 -12.62 10.48
N ILE C 115 -19.31 -11.69 11.22
CA ILE C 115 -17.87 -11.61 11.46
C ILE C 115 -17.41 -12.81 12.27
N GLY C 116 -17.88 -12.88 13.49
CA GLY C 116 -17.49 -13.95 14.39
C GLY C 116 -17.66 -15.30 13.73
N ARG C 117 -18.76 -15.43 13.00
CA ARG C 117 -19.00 -16.69 12.34
C ARG C 117 -18.12 -16.84 11.10
N TYR C 118 -17.81 -15.76 10.39
CA TYR C 118 -17.02 -15.89 9.16
C TYR C 118 -15.54 -15.40 9.11
N MSE C 119 -15.17 -14.42 9.90
CA MSE C 119 -13.78 -13.97 9.85
C MSE C 119 -13.23 -14.52 11.13
O MSE C 119 -12.08 -14.92 11.19
CB MSE C 119 -13.69 -12.44 9.88
CG MSE C 119 -14.60 -11.68 8.94
SE MSE C 119 -13.72 -10.40 7.82
CE MSE C 119 -13.91 -11.24 6.12
N GLY C 120 -14.08 -14.50 12.15
CA GLY C 120 -13.74 -14.93 13.48
C GLY C 120 -12.51 -15.81 13.71
N VAL C 121 -12.67 -17.12 13.57
CA VAL C 121 -11.57 -18.06 13.81
C VAL C 121 -10.19 -17.45 13.66
N ILE C 122 -9.70 -17.48 12.42
CA ILE C 122 -8.38 -16.97 12.05
C ILE C 122 -8.21 -15.45 12.24
N LEU C 123 -8.92 -14.88 13.21
CA LEU C 123 -8.80 -13.46 13.47
C LEU C 123 -8.61 -13.11 14.96
N GLY C 124 -9.56 -13.54 15.76
CA GLY C 124 -9.48 -13.27 17.18
C GLY C 124 -8.21 -13.57 17.97
N PRO C 125 -7.84 -14.86 18.12
CA PRO C 125 -6.63 -15.22 18.86
C PRO C 125 -5.40 -14.87 18.01
N ARG C 126 -5.39 -13.65 17.51
CA ARG C 126 -4.30 -13.12 16.73
C ARG C 126 -4.35 -11.63 17.01
N GLY C 127 -5.25 -11.33 17.96
CA GLY C 127 -5.50 -9.98 18.45
C GLY C 127 -6.33 -9.08 17.56
N LYS C 128 -6.74 -9.60 16.41
CA LYS C 128 -7.46 -8.79 15.48
C LYS C 128 -8.98 -8.74 15.53
N MSE C 129 -9.56 -9.05 16.68
CA MSE C 129 -11.01 -8.93 16.74
C MSE C 129 -11.28 -7.45 16.58
O MSE C 129 -10.72 -6.61 17.31
CB MSE C 129 -11.59 -9.45 18.06
CG MSE C 129 -12.26 -10.82 17.94
SE MSE C 129 -13.42 -11.01 16.39
CE MSE C 129 -15.13 -11.33 17.27
N PRO C 130 -12.11 -7.10 15.60
CA PRO C 130 -12.51 -5.74 15.27
C PRO C 130 -13.50 -5.16 16.27
N LYS C 131 -13.35 -3.87 16.58
CA LYS C 131 -14.26 -3.17 17.51
C LYS C 131 -15.54 -2.69 16.82
N PRO C 132 -16.67 -2.85 17.51
CA PRO C 132 -17.98 -2.46 17.00
C PRO C 132 -18.13 -0.97 16.88
N VAL C 133 -18.87 -0.58 15.85
CA VAL C 133 -19.16 0.83 15.60
C VAL C 133 -20.67 0.98 15.57
N PRO C 134 -21.21 1.69 16.57
CA PRO C 134 -22.64 1.91 16.65
C PRO C 134 -23.26 2.39 15.32
N ALA C 135 -24.52 2.01 15.13
CA ALA C 135 -25.33 2.33 13.95
C ALA C 135 -24.72 3.20 12.85
N ASN C 136 -24.90 4.51 13.01
CA ASN C 136 -24.39 5.50 12.08
C ASN C 136 -23.70 6.42 13.03
N ALA C 137 -22.39 6.25 13.14
CA ALA C 137 -21.60 7.08 14.04
C ALA C 137 -20.48 7.81 13.31
N ASN C 138 -19.81 8.70 14.02
CA ASN C 138 -18.70 9.44 13.44
C ASN C 138 -17.46 8.68 13.85
N ILE C 139 -16.60 8.42 12.88
CA ILE C 139 -15.37 7.67 13.07
C ILE C 139 -14.03 8.33 13.44
N LYS C 140 -13.69 9.48 12.85
CA LYS C 140 -12.44 10.16 13.17
C LYS C 140 -12.01 10.35 14.65
N PRO C 141 -12.94 10.74 15.52
CA PRO C 141 -12.49 10.89 16.90
C PRO C 141 -11.84 9.60 17.42
N LEU C 142 -12.20 8.47 16.82
CA LEU C 142 -11.65 7.17 17.20
C LEU C 142 -10.50 6.79 16.27
N VAL C 143 -10.83 6.58 14.99
CA VAL C 143 -9.85 6.22 13.96
C VAL C 143 -8.66 7.14 14.13
N GLU C 144 -8.88 8.44 13.98
CA GLU C 144 -7.82 9.43 14.16
C GLU C 144 -7.08 9.19 15.48
N ARG C 145 -7.83 8.76 16.51
CA ARG C 145 -7.28 8.49 17.83
C ARG C 145 -6.38 7.27 17.74
N LEU C 146 -6.80 6.30 16.95
CA LEU C 146 -6.02 5.08 16.78
C LEU C 146 -4.69 5.14 16.01
N LYS C 147 -4.59 5.95 14.96
CA LYS C 147 -3.35 6.02 14.19
C LYS C 147 -2.17 6.13 15.14
N LYS C 148 -2.47 6.41 16.41
CA LYS C 148 -1.42 6.59 17.39
C LYS C 148 -1.59 5.72 18.62
N THR C 149 -2.64 4.90 18.62
CA THR C 149 -2.86 4.01 19.74
C THR C 149 -1.82 2.90 19.73
N VAL C 150 -1.43 2.47 20.92
CA VAL C 150 -0.44 1.40 21.10
C VAL C 150 -1.01 0.39 22.12
N VAL C 151 -0.88 -0.90 21.80
CA VAL C 151 -1.38 -1.98 22.65
C VAL C 151 -0.41 -2.43 23.75
N ILE C 152 -0.96 -2.88 24.87
CA ILE C 152 -0.11 -3.30 25.98
C ILE C 152 -0.53 -4.62 26.65
N ASN C 153 -0.79 -5.64 25.85
CA ASN C 153 -1.22 -6.90 26.39
C ASN C 153 -0.08 -7.88 26.61
N THR C 154 -0.28 -8.79 27.56
CA THR C 154 0.77 -9.76 27.90
C THR C 154 0.30 -11.17 28.24
N ARG C 155 -1.02 -11.37 28.24
CA ARG C 155 -1.58 -12.66 28.60
C ARG C 155 -1.11 -12.87 30.04
N ASP C 156 -0.93 -14.12 30.44
CA ASP C 156 -0.48 -14.40 31.80
C ASP C 156 1.05 -14.63 32.04
N LYS C 157 1.83 -13.57 31.88
CA LYS C 157 3.28 -13.64 32.08
C LYS C 157 3.77 -12.34 32.68
N PRO C 158 4.79 -12.41 33.52
CA PRO C 158 5.36 -11.23 34.17
C PRO C 158 6.33 -10.42 33.32
N TYR C 159 5.90 -10.06 32.12
CA TYR C 159 6.70 -9.24 31.21
C TYR C 159 5.83 -8.70 30.09
N PHE C 160 6.31 -7.67 29.43
CA PHE C 160 5.54 -7.16 28.32
C PHE C 160 6.37 -6.38 27.31
N GLN C 161 5.76 -6.09 26.17
CA GLN C 161 6.44 -5.36 25.10
C GLN C 161 5.48 -4.46 24.33
N VAL C 162 5.93 -3.24 24.00
CA VAL C 162 5.14 -2.29 23.24
C VAL C 162 6.04 -1.44 22.39
N LEU C 163 5.49 -0.88 21.31
CA LEU C 163 6.25 -0.02 20.42
C LEU C 163 6.22 1.29 21.12
N VAL C 164 7.11 2.18 20.76
CA VAL C 164 7.14 3.46 21.41
C VAL C 164 7.83 4.47 20.55
N GLY C 165 7.96 4.12 19.27
CA GLY C 165 8.60 5.04 18.36
C GLY C 165 9.05 4.42 17.06
N ASN C 166 10.03 5.07 16.44
CA ASN C 166 10.57 4.63 15.18
C ASN C 166 11.86 5.41 14.96
N GLU C 167 12.87 4.72 14.45
CA GLU C 167 14.18 5.28 14.15
C GLU C 167 14.12 6.73 13.64
N LYS C 168 13.05 7.04 12.91
CA LYS C 168 12.84 8.37 12.32
C LYS C 168 12.53 9.46 13.32
N MSE C 169 11.71 9.16 14.32
CA MSE C 169 11.32 10.15 15.33
C MSE C 169 12.53 10.41 16.20
O MSE C 169 13.59 9.80 16.02
CB MSE C 169 10.16 9.68 16.19
CG MSE C 169 8.88 9.46 15.45
SE MSE C 169 7.82 8.48 16.45
CE MSE C 169 8.41 8.75 18.01
N THR C 170 12.34 11.31 17.16
CA THR C 170 13.40 11.73 18.05
C THR C 170 13.54 11.30 19.55
N ASP C 171 14.79 11.06 19.94
CA ASP C 171 15.24 10.72 21.29
C ASP C 171 14.20 11.00 22.38
N GLU C 172 14.17 12.25 22.83
CA GLU C 172 13.23 12.71 23.86
C GLU C 172 11.82 12.27 23.53
N GLN C 173 11.40 12.48 22.29
CA GLN C 173 10.06 12.10 21.86
C GLN C 173 9.69 10.71 22.37
N ILE C 174 10.59 9.76 22.20
CA ILE C 174 10.32 8.39 22.64
C ILE C 174 10.11 8.33 24.15
N VAL C 175 11.05 8.91 24.89
CA VAL C 175 11.00 8.93 26.35
C VAL C 175 9.56 8.88 26.87
N ASP C 176 8.93 10.05 26.80
CA ASP C 176 7.56 10.25 27.22
C ASP C 176 6.70 9.18 26.58
N ASN C 177 6.93 8.93 25.29
CA ASN C 177 6.16 7.91 24.61
C ASN C 177 6.18 6.75 25.59
N ILE C 178 7.36 6.49 26.13
CA ILE C 178 7.54 5.41 27.11
C ILE C 178 6.91 5.81 28.46
N GLU C 179 7.35 6.96 28.95
CA GLU C 179 6.92 7.47 30.23
C GLU C 179 5.46 7.23 30.30
N ALA C 180 4.79 7.79 29.32
CA ALA C 180 3.36 7.66 29.27
C ALA C 180 2.91 6.21 29.33
N VAL C 181 3.58 5.36 28.57
CA VAL C 181 3.20 3.95 28.52
C VAL C 181 3.25 3.36 29.92
N LEU C 182 3.97 4.05 30.80
CA LEU C 182 4.12 3.57 32.17
C LEU C 182 3.05 3.97 33.19
N ASN C 183 2.39 5.10 32.94
CA ASN C 183 1.36 5.54 33.85
C ASN C 183 0.34 4.44 34.00
N VAL C 184 0.31 3.57 32.98
CA VAL C 184 -0.58 2.40 32.94
C VAL C 184 -0.37 1.63 34.23
N VAL C 185 0.90 1.57 34.60
CA VAL C 185 1.37 0.85 35.76
C VAL C 185 0.81 1.30 37.12
N ALA C 186 1.00 2.58 37.43
CA ALA C 186 0.66 3.08 38.73
C ALA C 186 -0.79 2.94 39.21
N LYS C 187 -1.71 3.09 38.28
CA LYS C 187 -3.12 3.06 38.68
C LYS C 187 -3.81 1.86 39.38
N LYS C 188 -3.43 0.63 39.04
CA LYS C 188 -4.05 -0.59 39.61
C LYS C 188 -4.53 -0.73 41.07
N TYR C 189 -3.57 -1.15 41.89
CA TYR C 189 -3.69 -1.43 43.33
C TYR C 189 -2.64 -0.52 43.97
N GLU C 190 -1.43 -1.06 44.16
CA GLU C 190 -0.28 -0.30 44.67
C GLU C 190 0.90 -0.77 43.87
N LYS C 191 1.14 -0.14 42.74
CA LYS C 191 2.26 -0.52 41.91
C LYS C 191 2.78 0.85 41.58
N GLY C 192 3.58 1.39 42.48
CA GLY C 192 4.14 2.70 42.25
C GLY C 192 4.64 3.01 40.84
N LEU C 193 5.83 2.48 40.53
CA LEU C 193 6.46 2.73 39.24
C LEU C 193 7.64 1.78 39.14
N TYR C 194 7.92 1.12 40.26
CA TYR C 194 9.08 0.25 40.44
C TYR C 194 8.87 -1.26 40.59
N HIS C 195 7.61 -1.71 40.44
CA HIS C 195 7.29 -3.12 40.55
C HIS C 195 7.86 -4.02 39.40
N ILE C 196 8.90 -3.54 38.73
CA ILE C 196 9.52 -4.30 37.67
C ILE C 196 11.02 -4.38 37.95
N LYS C 197 11.65 -5.44 37.45
CA LYS C 197 13.07 -5.67 37.66
C LYS C 197 13.97 -4.72 36.87
N ASP C 198 14.02 -4.96 35.57
CA ASP C 198 14.83 -4.20 34.62
C ASP C 198 13.90 -3.77 33.48
N ALA C 199 14.53 -3.09 32.53
CA ALA C 199 13.85 -2.62 31.36
C ALA C 199 14.86 -2.25 30.28
N TYR C 200 14.68 -2.83 29.11
CA TYR C 200 15.56 -2.54 27.98
C TYR C 200 14.68 -1.97 26.88
N VAL C 201 15.34 -1.38 25.89
CA VAL C 201 14.70 -0.83 24.72
C VAL C 201 15.76 -0.93 23.65
N LYS C 202 15.32 -1.09 22.41
CA LYS C 202 16.23 -1.20 21.28
C LYS C 202 15.25 -1.25 20.14
N LEU C 203 15.74 -1.13 18.91
CA LEU C 203 14.86 -1.16 17.77
C LEU C 203 14.95 -2.50 17.04
N THR C 204 14.23 -2.64 15.93
CA THR C 204 14.19 -3.88 15.13
C THR C 204 15.45 -4.75 14.98
N MSE C 205 16.52 -4.21 14.39
CA MSE C 205 17.76 -4.97 14.21
C MSE C 205 18.88 -4.42 15.09
O MSE C 205 20.00 -4.20 14.62
CB MSE C 205 18.20 -4.91 12.76
CG MSE C 205 18.27 -6.23 12.11
SE MSE C 205 16.73 -6.67 11.12
CE MSE C 205 15.56 -6.97 12.59
N GLY C 206 18.55 -4.21 16.36
CA GLY C 206 19.50 -3.69 17.32
C GLY C 206 19.51 -4.47 18.63
N PRO C 207 20.48 -4.22 19.51
CA PRO C 207 20.72 -4.83 20.83
C PRO C 207 19.83 -4.34 21.97
N ALA C 208 19.27 -5.26 22.76
CA ALA C 208 18.44 -4.87 23.89
C ALA C 208 19.37 -4.13 24.85
N VAL C 209 19.34 -2.80 24.81
CA VAL C 209 20.21 -2.01 25.68
C VAL C 209 19.73 -2.17 27.11
N LYS C 210 20.66 -2.23 28.06
CA LYS C 210 20.29 -2.37 29.46
C LYS C 210 19.44 -1.23 30.08
N VAL C 211 18.90 -1.59 31.24
CA VAL C 211 18.03 -0.76 32.06
C VAL C 211 18.50 0.58 32.68
N LYS C 212 19.75 0.67 33.17
CA LYS C 212 20.16 1.87 33.89
C LYS C 212 20.85 3.15 33.34
N LYS C 213 21.34 3.92 34.31
CA LYS C 213 22.04 5.24 34.18
C LYS C 213 23.53 5.12 33.90
N GLU C 214 24.31 6.02 34.43
CA GLU C 214 25.72 5.76 34.27
C GLU C 214 26.46 6.14 35.67
N MET D 1 -17.16 -0.89 -36.50
CA MET D 1 -18.38 -1.65 -36.93
C MET D 1 -18.35 -3.15 -36.52
N ASP D 2 -17.21 -3.78 -36.71
CA ASP D 2 -16.97 -5.20 -36.40
C ASP D 2 -16.95 -5.54 -34.91
N ARG D 3 -17.00 -4.51 -34.08
CA ARG D 3 -16.98 -4.65 -32.63
C ARG D 3 -17.96 -5.71 -32.08
N GLU D 4 -19.05 -6.01 -32.80
CA GLU D 4 -20.00 -7.03 -32.31
C GLU D 4 -19.22 -8.33 -32.14
N ALA D 5 -18.09 -8.40 -32.81
CA ALA D 5 -17.19 -9.55 -32.77
C ALA D 5 -16.17 -9.43 -31.62
N LEU D 6 -15.56 -8.26 -31.55
CA LEU D 6 -14.56 -7.99 -30.51
C LEU D 6 -15.23 -8.32 -29.18
N LEU D 7 -16.52 -8.03 -29.08
CA LEU D 7 -17.28 -8.29 -27.85
C LEU D 7 -17.55 -9.79 -27.73
N GLN D 8 -18.02 -10.39 -28.83
CA GLN D 8 -18.27 -11.84 -28.82
C GLN D 8 -16.99 -12.49 -28.42
N ALA D 9 -15.93 -12.12 -29.13
CA ALA D 9 -14.59 -12.63 -28.86
C ALA D 9 -14.34 -12.59 -27.32
N VAL D 10 -14.48 -11.39 -26.76
CA VAL D 10 -14.33 -11.15 -25.33
C VAL D 10 -15.39 -11.76 -24.39
N LYS D 11 -16.63 -11.29 -24.47
CA LYS D 11 -17.72 -11.80 -23.60
C LYS D 11 -17.77 -13.33 -23.33
N GLU D 12 -17.22 -14.14 -24.21
CA GLU D 12 -17.26 -15.56 -23.98
C GLU D 12 -15.96 -15.88 -23.27
N ALA D 13 -14.87 -15.25 -23.73
CA ALA D 13 -13.52 -15.41 -23.14
C ALA D 13 -13.53 -15.56 -21.60
N ARG D 14 -14.40 -14.81 -20.89
CA ARG D 14 -14.44 -14.90 -19.41
C ARG D 14 -14.52 -16.29 -18.75
N GLU D 15 -15.30 -17.23 -19.26
CA GLU D 15 -15.32 -18.56 -18.60
C GLU D 15 -14.12 -19.44 -18.94
N LEU D 16 -13.18 -18.89 -19.70
CA LEU D 16 -12.00 -19.63 -20.11
C LEU D 16 -10.82 -19.40 -19.16
N ALA D 17 -11.09 -18.61 -18.12
CA ALA D 17 -10.11 -18.32 -17.09
C ALA D 17 -10.82 -18.70 -15.81
N LYS D 18 -10.22 -19.65 -15.08
CA LYS D 18 -10.84 -20.12 -13.86
C LYS D 18 -10.85 -19.14 -12.70
N PRO D 19 -11.93 -19.20 -11.89
CA PRO D 19 -11.95 -18.27 -10.77
C PRO D 19 -10.54 -18.30 -10.12
N ARG D 20 -9.90 -17.14 -10.08
CA ARG D 20 -8.59 -16.98 -9.45
C ARG D 20 -8.77 -16.19 -8.14
N ASN D 21 -7.77 -16.29 -7.27
CA ASN D 21 -7.85 -15.64 -5.97
C ASN D 21 -7.74 -14.13 -5.96
N PHE D 22 -6.95 -13.58 -6.86
CA PHE D 22 -6.82 -12.13 -6.96
C PHE D 22 -7.77 -11.84 -8.10
N THR D 23 -8.07 -10.57 -8.41
CA THR D 23 -8.98 -10.31 -9.53
C THR D 23 -8.22 -10.07 -10.83
N GLN D 24 -8.32 -11.06 -11.72
CA GLN D 24 -7.64 -11.03 -13.01
C GLN D 24 -7.90 -9.75 -13.78
N SER D 25 -6.87 -9.30 -14.47
CA SER D 25 -6.93 -8.10 -15.26
C SER D 25 -7.16 -8.53 -16.70
N PHE D 26 -7.36 -7.56 -17.58
CA PHE D 26 -7.56 -7.82 -19.01
C PHE D 26 -6.44 -7.28 -19.90
N GLU D 27 -6.32 -7.76 -21.13
CA GLU D 27 -5.28 -7.27 -22.04
C GLU D 27 -5.55 -7.70 -23.48
N PHE D 28 -5.20 -6.80 -24.40
CA PHE D 28 -5.44 -6.99 -25.82
C PHE D 28 -4.13 -7.24 -26.55
N ILE D 29 -4.20 -8.11 -27.57
CA ILE D 29 -3.02 -8.45 -28.34
C ILE D 29 -3.25 -8.34 -29.85
N ALA D 30 -2.54 -7.42 -30.46
CA ALA D 30 -2.68 -7.19 -31.88
C ALA D 30 -1.31 -7.35 -32.52
N THR D 31 -1.32 -7.69 -33.79
CA THR D 31 -0.09 -7.83 -34.53
C THR D 31 -0.04 -6.78 -35.62
N LEU D 32 1.06 -6.80 -36.36
CA LEU D 32 1.23 -5.87 -37.44
C LEU D 32 1.17 -6.62 -38.76
N LYS D 33 1.65 -5.93 -39.78
CA LYS D 33 1.72 -6.41 -41.15
C LYS D 33 2.19 -5.23 -41.97
N GLU D 34 3.03 -5.52 -42.94
CA GLU D 34 3.56 -4.51 -43.82
C GLU D 34 4.15 -3.24 -43.20
N ILE D 35 4.90 -3.43 -42.13
CA ILE D 35 5.62 -2.30 -41.54
C ILE D 35 6.97 -2.90 -41.20
N ASP D 36 8.01 -2.26 -41.72
CA ASP D 36 9.40 -2.66 -41.52
C ASP D 36 9.62 -2.27 -40.07
N MSE D 37 9.99 -3.21 -39.18
CA MSE D 37 10.16 -2.82 -37.79
C MSE D 37 11.60 -2.40 -37.58
O MSE D 37 11.90 -1.56 -36.74
CB MSE D 37 9.74 -3.95 -36.82
CG MSE D 37 8.27 -4.35 -36.94
SE MSE D 37 7.08 -3.25 -36.15
CE MSE D 37 7.14 -1.81 -37.16
N ARG D 38 12.49 -2.99 -38.38
CA ARG D 38 13.93 -2.69 -38.33
C ARG D 38 14.33 -1.19 -38.28
N LYS D 39 13.55 -0.33 -38.95
CA LYS D 39 13.74 1.15 -38.99
C LYS D 39 12.72 1.78 -38.02
N PRO D 40 13.12 2.82 -37.27
CA PRO D 40 12.30 3.54 -36.28
C PRO D 40 11.15 4.44 -36.80
N GLU D 41 11.06 4.61 -38.10
CA GLU D 41 10.04 5.46 -38.73
C GLU D 41 8.67 5.41 -38.09
N ASN D 42 8.02 4.27 -38.26
CA ASN D 42 6.69 4.09 -37.75
C ASN D 42 6.59 2.82 -36.92
N ARG D 43 6.39 3.00 -35.62
CA ARG D 43 6.25 1.88 -34.70
C ARG D 43 5.69 2.36 -33.37
N ILE D 44 4.40 2.09 -33.22
CA ILE D 44 3.63 2.52 -32.05
C ILE D 44 4.40 2.58 -30.71
N LYS D 45 4.08 3.64 -29.99
CA LYS D 45 4.60 4.02 -28.70
C LYS D 45 3.68 5.21 -28.39
N THR D 46 2.77 5.00 -27.45
CA THR D 46 1.82 6.04 -27.07
C THR D 46 1.07 5.45 -25.93
N GLU D 47 0.32 6.33 -25.30
CA GLU D 47 -0.49 6.04 -24.13
C GLU D 47 -1.77 6.83 -24.36
N VAL D 48 -2.82 6.17 -24.78
CA VAL D 48 -3.97 6.99 -24.99
C VAL D 48 -4.90 6.66 -23.87
N VAL D 49 -5.16 7.65 -23.01
CA VAL D 49 -6.08 7.49 -21.86
C VAL D 49 -7.18 6.50 -22.27
N LEU D 50 -7.68 5.71 -21.34
CA LEU D 50 -8.74 4.78 -21.65
C LEU D 50 -9.97 5.47 -21.14
N PRO D 51 -10.95 5.67 -22.02
CA PRO D 51 -12.16 6.31 -21.57
C PRO D 51 -12.63 5.80 -20.24
N HIS D 52 -13.01 4.53 -20.15
CA HIS D 52 -13.48 4.01 -18.86
C HIS D 52 -12.35 3.66 -17.90
N GLY D 53 -11.16 3.47 -18.47
CA GLY D 53 -9.98 3.14 -17.68
C GLY D 53 -9.80 1.66 -17.36
N ARG D 54 -9.16 1.39 -16.22
CA ARG D 54 -8.90 0.01 -15.75
C ARG D 54 -9.62 -0.19 -14.43
N GLY D 55 -9.02 -0.97 -13.55
CA GLY D 55 -9.60 -1.19 -12.23
C GLY D 55 -8.66 -0.56 -11.23
N LYS D 56 -7.39 -0.52 -11.59
CA LYS D 56 -6.37 0.04 -10.74
C LYS D 56 -5.89 1.33 -11.36
N GLU D 57 -6.04 2.42 -10.63
CA GLU D 57 -5.61 3.73 -11.12
C GLU D 57 -4.10 3.64 -11.08
N ALA D 58 -3.46 3.90 -12.20
CA ALA D 58 -2.01 3.89 -12.27
C ALA D 58 -1.37 4.35 -10.96
N LYS D 59 -0.22 3.78 -10.63
CA LYS D 59 0.50 4.15 -9.41
C LYS D 59 1.44 5.29 -9.79
N ILE D 60 1.23 6.44 -9.17
CA ILE D 60 2.03 7.58 -9.54
C ILE D 60 3.05 7.87 -8.48
N ALA D 61 4.24 8.31 -8.89
CA ALA D 61 5.29 8.62 -7.93
C ALA D 61 5.85 9.98 -8.29
N VAL D 62 6.02 10.81 -7.28
CA VAL D 62 6.55 12.15 -7.52
C VAL D 62 7.92 12.32 -6.91
N ILE D 63 8.83 12.77 -7.75
CA ILE D 63 10.19 12.97 -7.36
C ILE D 63 10.38 14.47 -7.33
N GLY D 64 10.18 15.09 -6.17
CA GLY D 64 10.34 16.53 -6.10
C GLY D 64 10.53 17.03 -4.69
N THR D 65 10.29 18.31 -4.45
CA THR D 65 10.47 18.87 -3.13
C THR D 65 9.57 20.03 -2.74
N GLY D 66 9.62 20.37 -1.46
CA GLY D 66 8.83 21.48 -0.94
C GLY D 66 7.37 21.45 -1.35
N ASP D 67 6.92 22.49 -2.04
CA ASP D 67 5.54 22.60 -2.51
C ASP D 67 5.14 21.56 -3.54
N LEU D 68 5.98 21.34 -4.55
CA LEU D 68 5.63 20.33 -5.53
C LEU D 68 5.42 19.05 -4.77
N ALA D 69 6.36 18.78 -3.89
CA ALA D 69 6.29 17.60 -3.07
C ALA D 69 4.89 17.59 -2.44
N LYS D 70 4.66 18.59 -1.59
CA LYS D 70 3.39 18.75 -0.87
C LYS D 70 2.28 18.23 -1.75
N GLN D 71 2.04 18.94 -2.86
CA GLN D 71 0.99 18.54 -3.81
C GLN D 71 0.67 17.04 -3.78
N ALA D 72 1.64 16.25 -4.24
CA ALA D 72 1.52 14.80 -4.29
C ALA D 72 0.94 14.20 -3.03
N GLU D 73 1.52 14.55 -1.89
CA GLU D 73 1.05 14.03 -0.62
C GLU D 73 -0.45 13.98 -0.46
N GLU D 74 -1.10 15.15 -0.45
CA GLU D 74 -2.56 15.20 -0.27
C GLU D 74 -3.29 14.45 -1.38
N LEU D 75 -2.63 14.32 -2.53
CA LEU D 75 -3.20 13.56 -3.65
C LEU D 75 -3.22 12.12 -3.15
N GLY D 76 -2.36 11.88 -2.16
CA GLY D 76 -2.23 10.58 -1.52
C GLY D 76 -1.26 9.70 -2.29
N LEU D 77 -0.29 10.34 -2.94
CA LEU D 77 0.69 9.62 -3.73
C LEU D 77 2.00 9.32 -3.01
N THR D 78 2.98 8.81 -3.75
CA THR D 78 4.27 8.46 -3.17
C THR D 78 5.31 9.55 -3.37
N VAL D 79 6.08 9.81 -2.34
CA VAL D 79 7.09 10.86 -2.43
C VAL D 79 8.59 10.50 -2.36
N ILE D 80 9.37 11.34 -3.05
CA ILE D 80 10.82 11.22 -3.13
C ILE D 80 11.42 12.62 -3.16
N ARG D 81 12.06 13.03 -2.06
CA ARG D 81 12.67 14.36 -1.96
C ARG D 81 14.13 14.46 -2.48
N LYS D 82 14.60 15.69 -2.68
CA LYS D 82 15.95 15.93 -3.23
C LYS D 82 17.01 15.02 -2.70
N GLU D 83 17.00 14.83 -1.37
CA GLU D 83 17.95 13.94 -0.70
C GLU D 83 17.66 12.47 -1.04
N GLU D 84 16.45 12.02 -0.74
CA GLU D 84 16.00 10.66 -0.99
C GLU D 84 16.67 9.99 -2.18
N ILE D 85 16.91 10.76 -3.24
CA ILE D 85 17.49 10.23 -4.46
C ILE D 85 18.72 9.33 -4.32
N GLU D 86 19.88 9.94 -4.04
CA GLU D 86 21.12 9.19 -3.90
C GLU D 86 20.98 8.04 -2.93
N GLU D 87 20.47 8.35 -1.74
CA GLU D 87 20.24 7.36 -0.69
C GLU D 87 19.67 6.07 -1.29
N LEU D 88 18.89 6.20 -2.35
CA LEU D 88 18.30 5.06 -3.01
C LEU D 88 19.24 4.36 -4.01
N GLY D 89 20.05 5.14 -4.73
CA GLY D 89 20.99 4.56 -5.69
C GLY D 89 22.09 3.76 -5.01
N LYS D 90 21.75 3.14 -3.89
CA LYS D 90 22.66 2.31 -3.12
C LYS D 90 21.78 1.35 -2.31
N ASN D 91 20.57 1.16 -2.83
CA ASN D 91 19.60 0.27 -2.24
C ASN D 91 18.85 -0.33 -3.43
N LYS D 92 19.60 -0.55 -4.49
CA LYS D 92 19.11 -1.07 -5.77
C LYS D 92 18.08 -2.19 -5.72
N ARG D 93 17.96 -2.87 -4.58
CA ARG D 93 16.99 -3.94 -4.45
C ARG D 93 15.58 -3.36 -4.40
N LYS D 94 15.46 -2.24 -3.67
CA LYS D 94 14.19 -1.51 -3.51
C LYS D 94 13.98 -0.53 -4.67
N LEU D 95 15.02 0.23 -5.03
CA LEU D 95 14.94 1.19 -6.12
C LEU D 95 14.36 0.53 -7.35
N ARG D 96 14.37 -0.79 -7.41
CA ARG D 96 13.80 -1.46 -8.56
C ARG D 96 12.44 -1.93 -8.09
N LYS D 97 12.38 -2.32 -6.81
CA LYS D 97 11.12 -2.74 -6.21
C LYS D 97 10.12 -1.59 -6.41
N ILE D 98 10.62 -0.36 -6.45
CA ILE D 98 9.81 0.85 -6.65
C ILE D 98 9.39 1.03 -8.09
N ALA D 99 10.29 0.78 -9.04
CA ALA D 99 9.89 0.89 -10.43
C ALA D 99 8.86 -0.20 -10.70
N LYS D 100 9.01 -1.34 -10.06
CA LYS D 100 8.02 -2.38 -10.25
C LYS D 100 6.66 -2.08 -9.59
N ALA D 101 6.69 -1.55 -8.38
CA ALA D 101 5.46 -1.25 -7.64
C ALA D 101 4.77 0.03 -8.13
N HIS D 102 5.48 0.83 -8.91
CA HIS D 102 4.92 2.08 -9.41
C HIS D 102 4.67 2.03 -10.91
N ASP D 103 3.69 2.82 -11.35
CA ASP D 103 3.30 2.83 -12.75
C ASP D 103 3.74 3.99 -13.62
N PHE D 104 4.13 5.09 -13.01
CA PHE D 104 4.54 6.22 -13.79
C PHE D 104 5.37 7.18 -12.96
N PHE D 105 6.33 7.83 -13.59
CA PHE D 105 7.15 8.76 -12.83
C PHE D 105 7.13 10.21 -13.32
N ILE D 106 6.94 11.13 -12.38
CA ILE D 106 6.88 12.58 -12.62
C ILE D 106 8.00 13.13 -11.77
N ALA D 107 8.90 13.89 -12.37
CA ALA D 107 10.01 14.43 -11.59
C ALA D 107 9.98 15.94 -11.52
N GLN D 108 10.41 16.53 -10.39
CA GLN D 108 10.48 17.98 -10.23
C GLN D 108 11.44 18.28 -11.35
N ALA D 109 10.92 18.49 -12.53
CA ALA D 109 11.75 18.75 -13.71
C ALA D 109 13.21 19.19 -13.52
N ASP D 110 13.48 20.05 -12.54
CA ASP D 110 14.85 20.53 -12.34
C ASP D 110 15.79 19.56 -11.61
N LEU D 111 15.36 18.31 -11.43
CA LEU D 111 16.19 17.33 -10.74
C LEU D 111 16.55 16.18 -11.64
N MSE D 112 16.38 16.36 -12.95
CA MSE D 112 16.70 15.29 -13.89
C MSE D 112 18.16 14.86 -13.78
O MSE D 112 18.44 13.67 -13.64
CB MSE D 112 16.35 15.67 -15.32
CG MSE D 112 14.84 15.71 -15.60
SE MSE D 112 13.82 14.10 -15.09
CE MSE D 112 13.22 13.47 -16.77
N PRO D 113 19.11 15.81 -13.85
CA PRO D 113 20.50 15.37 -13.74
C PRO D 113 20.69 14.51 -12.49
N LEU D 114 20.07 14.92 -11.40
CA LEU D 114 20.18 14.15 -10.18
C LEU D 114 19.34 12.90 -10.37
N ILE D 115 19.14 12.52 -11.61
CA ILE D 115 18.37 11.33 -11.89
C ILE D 115 19.17 10.40 -12.79
N GLY D 116 19.61 10.92 -13.94
CA GLY D 116 20.39 10.13 -14.87
C GLY D 116 21.60 9.52 -14.21
N ARG D 117 21.84 9.89 -12.96
CA ARG D 117 22.98 9.30 -12.29
C ARG D 117 22.66 8.38 -11.16
N TYR D 118 22.12 8.92 -10.08
CA TYR D 118 21.89 8.08 -8.92
C TYR D 118 20.82 6.99 -9.02
N MSE D 119 19.63 7.33 -9.53
CA MSE D 119 18.58 6.31 -9.67
C MSE D 119 18.19 6.15 -11.15
O MSE D 119 17.17 5.55 -11.52
CB MSE D 119 17.33 6.64 -8.81
CG MSE D 119 16.19 7.46 -9.40
SE MSE D 119 15.13 8.11 -8.04
CE MSE D 119 14.25 6.76 -7.56
N GLY D 120 19.06 6.66 -11.99
CA GLY D 120 18.79 6.60 -13.42
C GLY D 120 18.85 5.32 -14.28
N VAL D 121 20.04 4.76 -14.40
CA VAL D 121 20.28 3.61 -15.27
C VAL D 121 19.40 2.38 -15.10
N ILE D 122 18.53 2.38 -14.12
CA ILE D 122 17.69 1.21 -13.87
C ILE D 122 16.23 1.39 -14.29
N LEU D 123 15.78 2.63 -14.41
CA LEU D 123 14.41 2.89 -14.80
C LEU D 123 14.23 2.80 -16.31
N GLY D 124 14.87 3.71 -17.04
CA GLY D 124 14.80 3.72 -18.49
C GLY D 124 14.62 2.33 -19.10
N PRO D 125 15.63 1.46 -18.96
CA PRO D 125 15.57 0.09 -19.48
C PRO D 125 14.39 -0.65 -18.85
N ARG D 126 13.50 0.09 -18.21
CA ARG D 126 12.32 -0.47 -17.55
C ARG D 126 11.05 0.24 -18.06
N GLY D 127 11.27 1.35 -18.76
CA GLY D 127 10.18 2.14 -19.29
C GLY D 127 9.62 3.15 -18.29
N LYS D 128 10.27 3.24 -17.13
CA LYS D 128 9.83 4.13 -16.08
C LYS D 128 10.71 5.35 -15.76
N MSE D 129 11.20 5.96 -16.83
CA MSE D 129 12.00 7.17 -16.69
C MSE D 129 10.95 8.20 -16.26
O MSE D 129 9.79 8.12 -16.66
CB MSE D 129 12.62 7.54 -18.04
CG MSE D 129 13.67 8.65 -17.95
SE MSE D 129 15.11 8.16 -16.75
CE MSE D 129 16.55 9.12 -17.66
N PRO D 130 11.32 9.17 -15.43
CA PRO D 130 10.32 10.15 -15.02
C PRO D 130 9.89 11.12 -16.13
N LYS D 131 8.82 11.88 -15.88
CA LYS D 131 8.35 12.89 -16.83
C LYS D 131 8.42 14.19 -16.08
N PRO D 132 9.28 15.08 -16.54
CA PRO D 132 9.48 16.39 -15.91
C PRO D 132 8.16 17.13 -15.75
N VAL D 133 8.12 18.04 -14.77
CA VAL D 133 6.98 18.90 -14.50
C VAL D 133 7.58 20.25 -14.16
N PRO D 134 7.49 21.19 -15.11
CA PRO D 134 8.00 22.57 -15.04
C PRO D 134 7.94 23.28 -13.70
N ALA D 135 8.84 24.25 -13.53
CA ALA D 135 8.99 25.10 -12.33
C ALA D 135 8.08 24.86 -11.13
N ASN D 136 6.91 25.49 -11.13
CA ASN D 136 5.94 25.33 -10.05
C ASN D 136 4.75 25.09 -10.92
N ALA D 137 4.09 23.97 -10.69
CA ALA D 137 2.97 23.64 -11.51
C ALA D 137 1.86 22.85 -10.80
N ASN D 138 0.79 22.61 -11.54
CA ASN D 138 -0.32 21.87 -11.00
C ASN D 138 -0.29 20.49 -11.66
N ILE D 139 -0.18 19.46 -10.83
CA ILE D 139 -0.14 18.08 -11.30
C ILE D 139 -1.51 17.43 -11.42
N LYS D 140 -2.37 17.69 -10.42
CA LYS D 140 -3.75 17.17 -10.32
C LYS D 140 -4.36 16.68 -11.63
N PRO D 141 -4.32 17.54 -12.67
CA PRO D 141 -4.86 17.18 -13.99
C PRO D 141 -4.03 16.10 -14.66
N LEU D 142 -2.71 16.33 -14.77
CA LEU D 142 -1.82 15.35 -15.39
C LEU D 142 -2.00 14.06 -14.63
N VAL D 143 -1.79 14.16 -13.31
CA VAL D 143 -1.96 13.03 -12.41
C VAL D 143 -3.18 12.26 -12.87
N GLU D 144 -4.33 12.91 -12.72
CA GLU D 144 -5.57 12.31 -13.12
C GLU D 144 -5.57 11.82 -14.58
N ARG D 145 -5.25 12.68 -15.54
CA ARG D 145 -5.26 12.15 -16.90
C ARG D 145 -4.22 11.02 -17.03
N LEU D 146 -3.44 10.82 -15.97
CA LEU D 146 -2.42 9.79 -16.01
C LEU D 146 -2.90 8.54 -15.29
N LYS D 147 -3.72 8.68 -14.25
CA LYS D 147 -4.20 7.49 -13.52
C LYS D 147 -4.97 6.52 -14.36
N LYS D 148 -5.18 6.85 -15.63
CA LYS D 148 -5.89 5.95 -16.50
C LYS D 148 -5.18 5.70 -17.83
N THR D 149 -4.10 6.44 -18.09
CA THR D 149 -3.34 6.25 -19.33
C THR D 149 -2.69 4.88 -19.36
N VAL D 150 -2.48 4.35 -20.56
CA VAL D 150 -1.88 3.02 -20.74
C VAL D 150 -0.87 3.01 -21.88
N VAL D 151 0.40 2.77 -21.52
CA VAL D 151 1.47 2.74 -22.50
C VAL D 151 1.40 1.53 -23.43
N ILE D 152 1.78 1.75 -24.68
CA ILE D 152 1.82 0.69 -25.69
C ILE D 152 3.02 0.90 -26.58
N ASN D 153 4.11 0.27 -26.21
CA ASN D 153 5.29 0.36 -27.02
C ASN D 153 5.58 -1.02 -27.59
N THR D 154 6.08 -1.05 -28.82
CA THR D 154 6.46 -2.30 -29.45
C THR D 154 7.87 -1.91 -29.83
N ARG D 155 8.81 -2.16 -28.92
CA ARG D 155 10.17 -1.74 -29.17
C ARG D 155 10.59 -1.89 -30.64
N ASP D 156 10.46 -3.07 -31.25
CA ASP D 156 10.81 -3.20 -32.67
C ASP D 156 10.23 -4.43 -33.33
N LYS D 157 9.16 -4.94 -32.72
CA LYS D 157 8.44 -6.13 -33.17
C LYS D 157 7.08 -5.72 -33.73
N PRO D 158 6.56 -6.50 -34.69
CA PRO D 158 5.26 -6.22 -35.30
C PRO D 158 4.03 -6.66 -34.51
N TYR D 159 4.07 -6.48 -33.19
CA TYR D 159 2.95 -6.83 -32.32
C TYR D 159 2.99 -5.96 -31.08
N PHE D 160 1.93 -6.02 -30.28
CA PHE D 160 1.92 -5.25 -29.05
C PHE D 160 0.95 -5.77 -28.01
N GLN D 161 1.27 -5.47 -26.77
CA GLN D 161 0.44 -5.88 -25.66
C GLN D 161 -0.01 -4.59 -24.97
N VAL D 162 -1.13 -4.66 -24.26
CA VAL D 162 -1.67 -3.47 -23.59
C VAL D 162 -2.88 -3.80 -22.71
N LEU D 163 -2.87 -3.25 -21.49
CA LEU D 163 -3.98 -3.50 -20.60
C LEU D 163 -5.24 -2.82 -21.10
N VAL D 164 -6.38 -3.37 -20.76
CA VAL D 164 -7.57 -2.73 -21.21
C VAL D 164 -8.68 -2.88 -20.21
N GLY D 165 -8.52 -3.86 -19.34
CA GLY D 165 -9.58 -4.03 -18.39
C GLY D 165 -9.09 -4.76 -17.17
N ASN D 166 -10.07 -5.34 -16.50
CA ASN D 166 -9.93 -6.15 -15.33
C ASN D 166 -11.34 -6.52 -14.94
N GLU D 167 -11.52 -7.82 -14.88
CA GLU D 167 -12.78 -8.53 -14.68
C GLU D 167 -13.96 -7.96 -13.92
N LYS D 168 -13.79 -6.81 -13.28
CA LYS D 168 -14.93 -6.27 -12.57
C LYS D 168 -15.64 -5.23 -13.45
N MSE D 169 -14.89 -4.65 -14.39
CA MSE D 169 -15.42 -3.64 -15.30
C MSE D 169 -16.31 -4.44 -16.25
O MSE D 169 -16.47 -5.66 -16.09
CB MSE D 169 -14.29 -2.94 -16.06
CG MSE D 169 -13.21 -2.33 -15.17
SE MSE D 169 -11.98 -1.57 -16.17
CE MSE D 169 -12.28 -2.37 -17.73
N THR D 170 -16.88 -3.78 -17.25
CA THR D 170 -17.78 -4.52 -18.14
C THR D 170 -17.59 -4.71 -19.67
N ASP D 171 -17.80 -5.96 -20.08
CA ASP D 171 -17.72 -6.42 -21.48
C ASP D 171 -17.48 -5.40 -22.61
N GLU D 172 -18.40 -4.45 -22.76
CA GLU D 172 -18.23 -3.45 -23.81
C GLU D 172 -17.21 -2.42 -23.36
N GLN D 173 -17.29 -2.07 -22.06
CA GLN D 173 -16.39 -1.10 -21.45
C GLN D 173 -15.01 -1.32 -22.05
N ILE D 174 -14.62 -2.59 -22.06
CA ILE D 174 -13.34 -3.01 -22.58
C ILE D 174 -13.21 -2.58 -24.02
N VAL D 175 -14.07 -3.16 -24.84
CA VAL D 175 -14.09 -2.86 -26.24
C VAL D 175 -13.84 -1.38 -26.37
N ASP D 176 -14.66 -0.54 -25.74
CA ASP D 176 -14.46 0.93 -25.80
C ASP D 176 -12.98 1.22 -25.57
N ASN D 177 -12.49 0.83 -24.40
CA ASN D 177 -11.09 1.02 -24.11
C ASN D 177 -10.27 0.50 -25.29
N ILE D 178 -10.54 -0.74 -25.69
CA ILE D 178 -9.87 -1.35 -26.82
C ILE D 178 -9.94 -0.41 -28.04
N GLU D 179 -11.16 -0.01 -28.43
CA GLU D 179 -11.38 0.87 -29.57
C GLU D 179 -10.33 1.95 -29.50
N ALA D 180 -10.41 2.73 -28.43
CA ALA D 180 -9.48 3.82 -28.22
C ALA D 180 -8.04 3.43 -28.57
N VAL D 181 -7.71 2.16 -28.38
CA VAL D 181 -6.38 1.65 -28.68
C VAL D 181 -6.23 1.56 -30.18
N LEU D 182 -7.07 0.73 -30.80
CA LEU D 182 -7.07 0.58 -32.24
C LEU D 182 -7.05 1.98 -32.88
N ASN D 183 -7.72 2.92 -32.20
CA ASN D 183 -7.82 4.32 -32.63
C ASN D 183 -6.41 4.79 -32.98
N VAL D 184 -5.47 4.51 -32.09
CA VAL D 184 -4.09 4.89 -32.31
C VAL D 184 -3.59 4.05 -33.46
N VAL D 185 -4.05 2.80 -33.50
CA VAL D 185 -3.66 1.87 -34.53
C VAL D 185 -3.79 2.44 -35.93
N ALA D 186 -4.93 3.05 -36.22
CA ALA D 186 -5.20 3.59 -37.56
C ALA D 186 -4.60 4.91 -38.06
N LYS D 187 -4.37 5.87 -37.17
CA LYS D 187 -3.82 7.16 -37.58
C LYS D 187 -2.31 6.98 -37.63
N LYS D 188 -1.89 5.92 -38.32
CA LYS D 188 -0.48 5.58 -38.47
C LYS D 188 0.15 6.12 -39.77
N TYR D 189 0.20 5.24 -40.78
CA TYR D 189 0.77 5.56 -42.09
C TYR D 189 -0.32 5.10 -43.04
N GLU D 190 -1.51 5.51 -42.65
CA GLU D 190 -2.76 5.23 -43.35
C GLU D 190 -3.07 3.75 -43.32
N LYS D 191 -3.77 3.25 -44.34
CA LYS D 191 -4.21 1.86 -44.36
C LYS D 191 -5.26 1.75 -43.23
N GLY D 192 -6.18 2.70 -43.32
CA GLY D 192 -7.32 2.89 -42.45
C GLY D 192 -7.55 2.56 -40.97
N LEU D 193 -7.59 1.27 -40.65
CA LEU D 193 -7.84 0.76 -39.29
C LEU D 193 -7.27 -0.61 -39.16
N TYR D 194 -7.49 -1.37 -40.22
CA TYR D 194 -6.92 -2.71 -40.35
C TYR D 194 -5.57 -2.66 -41.21
N HIS D 195 -4.61 -3.46 -40.78
CA HIS D 195 -3.35 -3.58 -41.47
C HIS D 195 -2.67 -4.55 -40.48
N ILE D 196 -3.37 -5.63 -40.13
CA ILE D 196 -2.83 -6.55 -39.15
C ILE D 196 -3.21 -7.99 -39.35
N LYS D 197 -2.44 -8.87 -38.73
CA LYS D 197 -2.68 -10.30 -38.84
C LYS D 197 -3.69 -10.72 -37.79
N ASP D 198 -3.42 -11.80 -37.08
CA ASP D 198 -4.34 -12.26 -36.02
C ASP D 198 -4.45 -11.20 -34.88
N ALA D 199 -5.42 -11.38 -33.98
CA ALA D 199 -5.61 -10.45 -32.86
C ALA D 199 -6.31 -11.18 -31.72
N TYR D 200 -5.91 -10.92 -30.48
CA TYR D 200 -6.51 -11.60 -29.33
C TYR D 200 -6.83 -10.75 -28.08
N VAL D 201 -7.48 -11.40 -27.12
CA VAL D 201 -7.87 -10.80 -25.85
C VAL D 201 -7.98 -11.85 -24.74
N LYS D 202 -7.20 -11.65 -23.67
CA LYS D 202 -7.12 -12.60 -22.55
C LYS D 202 -7.16 -11.95 -21.17
N LEU D 203 -7.03 -12.79 -20.14
CA LEU D 203 -6.96 -12.34 -18.73
C LEU D 203 -5.74 -12.99 -18.08
N THR D 204 -5.01 -12.27 -17.22
CA THR D 204 -3.78 -12.80 -16.58
C THR D 204 -3.69 -14.32 -16.40
N MSE D 205 -4.79 -14.96 -16.03
CA MSE D 205 -4.79 -16.40 -15.88
C MSE D 205 -5.96 -17.06 -16.59
O MSE D 205 -6.75 -17.77 -15.98
CB MSE D 205 -4.76 -16.79 -14.41
CG MSE D 205 -3.45 -17.46 -14.09
SE MSE D 205 -2.60 -16.99 -12.44
CE MSE D 205 -1.34 -15.63 -13.05
N GLY D 206 -6.03 -16.78 -17.90
CA GLY D 206 -7.06 -17.30 -18.78
C GLY D 206 -6.39 -17.39 -20.14
N PRO D 207 -7.04 -17.95 -21.16
CA PRO D 207 -6.42 -18.07 -22.49
C PRO D 207 -6.55 -16.82 -23.33
N ALA D 208 -5.92 -16.82 -24.51
CA ALA D 208 -5.99 -15.67 -25.43
C ALA D 208 -6.98 -15.98 -26.56
N VAL D 209 -8.26 -15.81 -26.27
CA VAL D 209 -9.28 -16.08 -27.26
C VAL D 209 -8.96 -15.35 -28.56
N LYS D 210 -8.70 -16.12 -29.61
CA LYS D 210 -8.40 -15.58 -30.93
C LYS D 210 -9.61 -14.71 -31.31
N VAL D 211 -9.46 -13.78 -32.27
CA VAL D 211 -10.56 -12.85 -32.60
C VAL D 211 -11.18 -12.77 -34.03
N LYS D 212 -12.48 -13.03 -34.12
CA LYS D 212 -13.21 -12.90 -35.40
C LYS D 212 -14.63 -13.41 -35.46
N LYS D 213 -15.51 -12.69 -34.75
CA LYS D 213 -16.94 -12.98 -34.70
C LYS D 213 -17.31 -14.39 -34.23
N GLU D 214 -18.37 -14.86 -34.88
CA GLU D 214 -18.94 -16.20 -34.72
C GLU D 214 -19.07 -16.71 -36.18
#